data_7PWQ
#
_entry.id   7PWQ
#
_cell.length_a   45.720
_cell.length_b   69.480
_cell.length_c   161.650
_cell.angle_alpha   90.000
_cell.angle_beta   90.000
_cell.angle_gamma   90.000
#
_symmetry.space_group_name_H-M   'P 21 21 21'
#
loop_
_entity.id
_entity.type
_entity.pdbx_description
1 polymer 'Protein mono-ADP-ribosyltransferase PARP15'
2 non-polymer 6-(cyclohexylmethoxy)phthalazine-1,4-dione
3 non-polymer (4S)-2-METHYL-2,4-PENTANEDIOL
4 water water
#
_entity_poly.entity_id   1
_entity_poly.type   'polypeptide(L)'
_entity_poly.pdbx_seq_one_letter_code
;MHHHHHHSSGVDLGTENLYFQSMNLPEHWTDMNHQLFCMVQLEPGQSEYNTIKDKFTRTCSSYAIEKIERIQNAFLWQSY
QVKKRQMDIKNDHKNNERLLFHGTDADSVPYVNQHGFNRSCAGKNAVSYGKGTYFAVDASYSAKDTYSKPDSNGRKHMYV
VRVLTGVFTKGRAGLVTPPPKNPHNPTDLFDSVTNNTRSPKLFVVFFDNQAYPEYLITFTA
;
_entity_poly.pdbx_strand_id   A,B
#
# COMPACT_ATOMS: atom_id res chain seq x y z
N ASN A 24 -10.62 6.14 -16.35
CA ASN A 24 -10.37 7.61 -16.51
C ASN A 24 -8.91 7.83 -16.98
N LEU A 25 -8.51 7.16 -18.07
CA LEU A 25 -7.10 7.10 -18.54
C LEU A 25 -6.73 8.40 -19.26
N PRO A 26 -5.53 8.97 -19.01
CA PRO A 26 -5.15 10.28 -19.54
C PRO A 26 -5.11 10.37 -21.08
N GLU A 27 -5.43 11.54 -21.63
CA GLU A 27 -5.62 11.79 -23.08
C GLU A 27 -4.34 11.48 -23.88
N HIS A 28 -3.16 11.80 -23.33
CA HIS A 28 -1.84 11.66 -24.02
C HIS A 28 -1.38 10.20 -24.06
N TRP A 29 -2.02 9.32 -23.28
CA TRP A 29 -1.81 7.86 -23.43
C TRP A 29 -2.26 7.48 -24.84
N THR A 30 -1.67 6.45 -25.41
CA THR A 30 -2.09 5.94 -26.73
C THR A 30 -2.93 4.69 -26.52
N ASP A 31 -3.75 4.36 -27.52
CA ASP A 31 -4.79 3.30 -27.43
C ASP A 31 -4.12 1.99 -27.03
N MET A 32 -4.76 1.17 -26.19
CA MET A 32 -4.13 -0.11 -25.73
C MET A 32 -4.90 -1.34 -26.20
N ASN A 33 -5.73 -1.24 -27.25
CA ASN A 33 -6.50 -2.38 -27.81
C ASN A 33 -7.12 -3.16 -26.64
N HIS A 34 -7.74 -2.45 -25.69
CA HIS A 34 -8.54 -3.01 -24.56
C HIS A 34 -7.66 -3.72 -23.51
N GLN A 35 -6.32 -3.61 -23.57
CA GLN A 35 -5.40 -4.14 -22.51
C GLN A 35 -5.18 -3.08 -21.42
N LEU A 36 -4.64 -3.50 -20.28
CA LEU A 36 -4.55 -2.60 -19.09
C LEU A 36 -3.09 -2.27 -18.74
N PHE A 37 -2.11 -2.84 -19.46
CA PHE A 37 -0.68 -2.53 -19.27
C PHE A 37 0.04 -2.48 -20.62
N CYS A 38 0.77 -1.40 -20.87
CA CYS A 38 1.64 -1.26 -22.07
C CYS A 38 2.80 -0.33 -21.74
N MET A 39 4.00 -0.64 -22.23
CA MET A 39 5.18 0.26 -22.26
C MET A 39 5.28 0.84 -23.68
N VAL A 40 5.19 2.16 -23.84
CA VAL A 40 5.13 2.81 -25.19
C VAL A 40 6.41 3.60 -25.43
N GLN A 41 7.21 3.20 -26.41
CA GLN A 41 8.48 3.92 -26.71
C GLN A 41 8.11 5.29 -27.33
N LEU A 42 8.67 6.39 -26.81
CA LEU A 42 8.35 7.75 -27.29
C LEU A 42 9.14 8.03 -28.58
N GLU A 43 8.56 8.87 -29.44
CA GLU A 43 9.21 9.34 -30.68
C GLU A 43 10.16 10.47 -30.34
N PRO A 44 11.48 10.34 -30.59
CA PRO A 44 12.42 11.44 -30.38
C PRO A 44 12.06 12.68 -31.20
N GLY A 45 12.27 13.87 -30.63
CA GLY A 45 11.99 15.15 -31.31
C GLY A 45 10.55 15.59 -31.18
N GLN A 46 9.63 14.76 -30.66
CA GLN A 46 8.24 15.22 -30.41
C GLN A 46 8.14 15.79 -29.00
N SER A 47 7.06 16.52 -28.74
CA SER A 47 6.86 17.39 -27.54
C SER A 47 7.09 16.63 -26.22
N GLU A 48 6.45 15.48 -26.08
CA GLU A 48 6.48 14.71 -24.81
C GLU A 48 7.91 14.21 -24.54
N TYR A 49 8.55 13.60 -25.53
CA TYR A 49 9.96 13.13 -25.42
C TYR A 49 10.88 14.31 -25.06
N ASN A 50 10.73 15.43 -25.77
CA ASN A 50 11.61 16.62 -25.52
C ASN A 50 11.45 17.09 -24.06
N THR A 51 10.23 17.12 -23.52
CA THR A 51 9.96 17.58 -22.14
C THR A 51 10.70 16.68 -21.15
N ILE A 52 10.58 15.35 -21.29
CA ILE A 52 11.18 14.39 -20.32
C ILE A 52 12.71 14.42 -20.50
N LYS A 53 13.21 14.48 -21.74
CA LYS A 53 14.67 14.56 -22.00
C LYS A 53 15.23 15.80 -21.32
N ASP A 54 14.58 16.96 -21.45
CA ASP A 54 15.04 18.24 -20.85
C ASP A 54 15.15 18.11 -19.31
N LYS A 55 14.17 17.48 -18.66
CA LYS A 55 14.16 17.30 -17.17
C LYS A 55 15.42 16.53 -16.75
N PHE A 56 15.77 15.51 -17.52
CA PHE A 56 16.97 14.67 -17.28
C PHE A 56 18.26 15.44 -17.58
N THR A 57 18.31 16.08 -18.75
CA THR A 57 19.57 16.72 -19.22
C THR A 57 19.89 17.96 -18.39
N ARG A 58 18.94 18.50 -17.62
CA ARG A 58 19.19 19.59 -16.63
C ARG A 58 20.42 19.28 -15.77
N THR A 59 20.60 18.02 -15.33
CA THR A 59 21.74 17.60 -14.45
C THR A 59 22.55 16.44 -15.06
N CYS A 60 22.10 15.79 -16.15
CA CYS A 60 22.72 14.55 -16.70
C CYS A 60 23.07 14.73 -18.19
N SER A 61 23.51 15.93 -18.59
CA SER A 61 23.78 16.24 -20.03
C SER A 61 24.96 15.43 -20.56
N SER A 62 25.82 14.83 -19.70
CA SER A 62 26.98 14.02 -20.14
C SER A 62 26.57 12.58 -20.46
N TYR A 63 25.32 12.20 -20.17
CA TYR A 63 24.84 10.81 -20.36
C TYR A 63 24.19 10.71 -21.76
N ALA A 64 24.17 9.53 -22.35
CA ALA A 64 23.55 9.23 -23.66
C ALA A 64 22.23 8.48 -23.43
N ILE A 65 21.13 9.06 -23.91
CA ILE A 65 19.75 8.49 -23.83
C ILE A 65 19.53 7.53 -25.00
N GLU A 66 19.30 6.26 -24.73
CA GLU A 66 19.00 5.24 -25.77
C GLU A 66 17.50 5.27 -26.07
N LYS A 67 16.65 5.34 -25.05
CA LYS A 67 15.19 5.49 -25.30
C LYS A 67 14.47 6.00 -24.07
N ILE A 68 13.25 6.49 -24.28
CA ILE A 68 12.30 6.89 -23.19
C ILE A 68 10.99 6.18 -23.48
N GLU A 69 10.44 5.50 -22.47
CA GLU A 69 9.17 4.73 -22.60
C GLU A 69 8.13 5.34 -21.65
N ARG A 70 6.90 5.45 -22.12
CA ARG A 70 5.74 5.88 -21.29
C ARG A 70 5.13 4.64 -20.66
N ILE A 71 4.96 4.62 -19.32
CA ILE A 71 4.38 3.47 -18.58
C ILE A 71 2.87 3.69 -18.53
N GLN A 72 2.10 2.84 -19.21
CA GLN A 72 0.63 2.93 -19.21
C GLN A 72 0.12 1.75 -18.38
N ASN A 73 -0.03 1.97 -17.08
CA ASN A 73 -0.45 0.91 -16.12
C ASN A 73 -1.78 1.35 -15.50
N ALA A 74 -2.90 0.87 -16.04
CA ALA A 74 -4.25 1.38 -15.70
C ALA A 74 -4.53 1.20 -14.19
N PHE A 75 -4.20 0.05 -13.63
CA PHE A 75 -4.53 -0.28 -12.21
C PHE A 75 -3.71 0.64 -11.29
N LEU A 76 -2.40 0.75 -11.57
CA LEU A 76 -1.52 1.61 -10.73
C LEU A 76 -1.99 3.05 -10.81
N TRP A 77 -2.37 3.50 -12.01
CA TRP A 77 -2.85 4.88 -12.26
C TRP A 77 -4.10 5.12 -11.40
N GLN A 78 -5.06 4.20 -11.46
CA GLN A 78 -6.36 4.28 -10.72
CA GLN A 78 -6.34 4.37 -10.73
C GLN A 78 -6.07 4.47 -9.21
N SER A 79 -5.26 3.58 -8.66
CA SER A 79 -4.97 3.59 -7.19
C SER A 79 -4.27 4.89 -6.79
N TYR A 80 -3.32 5.34 -7.62
CA TYR A 80 -2.58 6.61 -7.41
C TYR A 80 -3.54 7.80 -7.46
N GLN A 81 -4.45 7.86 -8.46
CA GLN A 81 -5.38 9.01 -8.62
C GLN A 81 -6.37 9.07 -7.44
N VAL A 82 -6.76 7.93 -6.88
CA VAL A 82 -7.62 7.90 -5.67
C VAL A 82 -6.87 8.54 -4.50
N LYS A 83 -5.60 8.16 -4.29
N LYS A 83 -5.61 8.15 -4.29
CA LYS A 83 -4.79 8.72 -3.18
CA LYS A 83 -4.76 8.72 -3.21
C LYS A 83 -4.55 10.22 -3.43
C LYS A 83 -4.62 10.23 -3.44
N LYS A 84 -4.41 10.66 -4.68
CA LYS A 84 -4.27 12.12 -4.99
C LYS A 84 -5.56 12.85 -4.61
N ARG A 85 -6.71 12.34 -5.00
CA ARG A 85 -8.00 13.01 -4.69
CA ARG A 85 -8.02 12.97 -4.68
C ARG A 85 -8.15 13.10 -3.17
N GLN A 86 -7.81 12.05 -2.43
CA GLN A 86 -7.92 12.04 -0.95
C GLN A 86 -6.95 13.07 -0.35
N MET A 87 -5.70 13.12 -0.82
CA MET A 87 -4.70 14.05 -0.27
C MET A 87 -5.13 15.51 -0.56
N ASP A 88 -5.71 15.76 -1.73
CA ASP A 88 -6.21 17.12 -2.11
C ASP A 88 -7.32 17.53 -1.14
N ILE A 89 -8.24 16.64 -0.76
CA ILE A 89 -9.30 16.91 0.26
C ILE A 89 -8.68 17.16 1.65
N LYS A 90 -7.83 16.24 2.12
CA LYS A 90 -7.23 16.24 3.48
C LYS A 90 -6.44 17.54 3.68
N ASN A 91 -5.63 17.92 2.69
CA ASN A 91 -4.70 19.07 2.81
C ASN A 91 -5.44 20.37 2.46
N ASP A 92 -6.59 20.30 1.77
CA ASP A 92 -7.50 21.45 1.48
C ASP A 92 -6.85 22.39 0.46
N HIS A 93 -5.90 21.87 -0.31
CA HIS A 93 -5.19 22.55 -1.42
C HIS A 93 -4.68 21.46 -2.36
N LYS A 94 -4.30 21.84 -3.58
CA LYS A 94 -4.11 20.89 -4.70
C LYS A 94 -2.65 20.91 -5.17
N ASN A 95 -1.71 21.28 -4.29
CA ASN A 95 -0.26 21.38 -4.65
C ASN A 95 0.50 20.21 -4.00
N ASN A 96 0.02 18.96 -4.13
CA ASN A 96 0.55 17.81 -3.35
C ASN A 96 1.51 16.94 -4.15
N GLU A 97 1.69 17.19 -5.45
CA GLU A 97 2.42 16.33 -6.40
C GLU A 97 3.74 16.98 -6.86
N ARG A 98 4.82 16.21 -6.95
CA ARG A 98 6.14 16.59 -7.52
C ARG A 98 6.58 15.53 -8.53
N LEU A 99 7.36 15.91 -9.55
CA LEU A 99 7.98 14.94 -10.49
C LEU A 99 9.44 14.73 -10.06
N LEU A 100 9.78 13.50 -9.71
CA LEU A 100 11.07 13.11 -9.11
C LEU A 100 11.65 11.93 -9.88
N PHE A 101 12.88 11.54 -9.55
CA PHE A 101 13.66 10.50 -10.24
C PHE A 101 13.92 9.33 -9.29
N HIS A 102 14.00 8.14 -9.87
CA HIS A 102 14.33 6.91 -9.13
C HIS A 102 15.14 5.98 -10.01
N GLY A 103 16.43 5.80 -9.70
CA GLY A 103 17.34 4.85 -10.35
C GLY A 103 17.13 3.46 -9.80
N THR A 104 17.09 2.44 -10.63
CA THR A 104 17.10 1.05 -10.12
C THR A 104 17.92 0.12 -11.01
N ASP A 105 18.11 -1.11 -10.56
CA ASP A 105 18.83 -2.15 -11.33
C ASP A 105 17.87 -2.77 -12.35
N ALA A 106 18.43 -3.31 -13.43
CA ALA A 106 17.68 -3.95 -14.54
C ALA A 106 16.72 -5.02 -14.02
N ASP A 107 17.12 -5.78 -12.99
CA ASP A 107 16.30 -6.91 -12.50
C ASP A 107 15.05 -6.41 -11.77
N SER A 108 15.01 -5.16 -11.30
CA SER A 108 13.81 -4.58 -10.62
C SER A 108 12.83 -3.93 -11.61
N VAL A 109 13.24 -3.66 -12.86
CA VAL A 109 12.40 -2.89 -13.82
C VAL A 109 11.07 -3.60 -14.11
N PRO A 110 10.98 -4.92 -14.40
CA PRO A 110 9.69 -5.55 -14.67
C PRO A 110 8.72 -5.41 -13.47
N TYR A 111 9.24 -5.55 -12.25
CA TYR A 111 8.41 -5.41 -11.02
C TYR A 111 7.88 -3.97 -10.94
N VAL A 112 8.73 -2.96 -11.09
CA VAL A 112 8.26 -1.56 -10.92
C VAL A 112 7.23 -1.23 -12.01
N ASN A 113 7.48 -1.66 -13.25
CA ASN A 113 6.53 -1.37 -14.38
C ASN A 113 5.12 -1.89 -14.02
N GLN A 114 5.03 -3.05 -13.39
CA GLN A 114 3.74 -3.77 -13.17
CA GLN A 114 3.75 -3.77 -13.18
C GLN A 114 3.14 -3.39 -11.81
N HIS A 115 3.97 -3.20 -10.79
CA HIS A 115 3.52 -3.12 -9.39
C HIS A 115 3.92 -1.80 -8.70
N GLY A 116 4.73 -0.94 -9.33
CA GLY A 116 5.20 0.30 -8.69
C GLY A 116 6.26 0.05 -7.63
N PHE A 117 6.35 0.96 -6.66
CA PHE A 117 7.44 1.00 -5.67
C PHE A 117 7.01 0.25 -4.41
N ASN A 118 7.93 -0.46 -3.79
CA ASN A 118 7.60 -1.29 -2.60
C ASN A 118 8.66 -1.10 -1.54
N ARG A 119 8.29 -0.50 -0.40
CA ARG A 119 9.22 -0.21 0.72
C ARG A 119 9.82 -1.49 1.29
N SER A 120 9.19 -2.65 1.05
CA SER A 120 9.60 -3.96 1.60
C SER A 120 10.76 -4.55 0.80
N CYS A 121 11.05 -4.00 -0.36
CA CYS A 121 12.17 -4.49 -1.21
C CYS A 121 13.40 -3.60 -0.94
N ASN A 125 21.12 -0.52 0.10
CA ASN A 125 21.36 0.94 0.10
C ASN A 125 20.87 1.57 1.41
N ALA A 126 21.43 2.71 1.77
CA ALA A 126 21.13 3.43 3.04
C ALA A 126 19.66 3.88 3.07
N VAL A 127 19.07 3.88 4.25
CA VAL A 127 17.68 4.33 4.50
C VAL A 127 17.67 5.24 5.74
N SER A 128 18.62 6.17 5.78
CA SER A 128 18.91 7.08 6.91
C SER A 128 17.75 8.03 7.24
N TYR A 129 16.79 8.23 6.33
CA TYR A 129 15.66 9.16 6.56
C TYR A 129 14.37 8.37 6.76
N GLY A 130 14.46 7.05 6.91
CA GLY A 130 13.31 6.18 7.21
C GLY A 130 13.17 5.03 6.23
N LYS A 131 12.39 4.02 6.62
CA LYS A 131 12.22 2.76 5.85
C LYS A 131 11.08 2.95 4.83
N GLY A 132 11.34 3.80 3.83
CA GLY A 132 10.41 4.06 2.72
C GLY A 132 11.06 3.89 1.36
N THR A 133 10.38 4.35 0.30
CA THR A 133 10.98 4.43 -1.06
C THR A 133 11.53 5.85 -1.26
N TYR A 134 12.76 5.98 -1.75
CA TYR A 134 13.49 7.24 -1.93
C TYR A 134 13.35 7.73 -3.39
N PHE A 135 13.15 9.03 -3.54
CA PHE A 135 13.08 9.73 -4.84
C PHE A 135 13.96 10.96 -4.76
N ALA A 136 14.71 11.22 -5.84
CA ALA A 136 15.64 12.36 -5.93
C ALA A 136 15.03 13.52 -6.74
N VAL A 137 15.33 14.73 -6.30
CA VAL A 137 14.97 15.98 -7.03
C VAL A 137 15.80 16.03 -8.34
N ASP A 138 17.08 15.66 -8.26
CA ASP A 138 18.04 15.77 -9.41
C ASP A 138 18.30 14.40 -10.03
N ALA A 139 18.18 14.28 -11.34
CA ALA A 139 18.49 13.01 -12.06
C ALA A 139 19.93 12.60 -11.76
N SER A 140 20.86 13.55 -11.58
CA SER A 140 22.29 13.25 -11.33
C SER A 140 22.46 12.32 -10.11
N TYR A 141 21.65 12.52 -9.06
CA TYR A 141 21.71 11.66 -7.84
C TYR A 141 21.28 10.22 -8.17
N SER A 142 20.13 10.05 -8.83
CA SER A 142 19.63 8.73 -9.26
C SER A 142 20.58 8.08 -10.28
N ALA A 143 21.41 8.87 -11.00
CA ALA A 143 22.36 8.37 -12.02
C ALA A 143 23.59 7.69 -11.39
N LYS A 144 23.80 7.79 -10.08
CA LYS A 144 24.89 7.05 -9.39
C LYS A 144 24.75 5.55 -9.66
N ASP A 145 25.87 4.84 -9.87
CA ASP A 145 25.85 3.39 -10.14
C ASP A 145 25.27 2.60 -8.96
N THR A 146 25.33 3.09 -7.73
CA THR A 146 24.71 2.42 -6.56
C THR A 146 23.17 2.32 -6.73
N TYR A 147 22.52 3.22 -7.49
CA TYR A 147 21.05 3.24 -7.70
C TYR A 147 20.73 2.68 -9.08
N SER A 148 21.16 3.35 -10.14
CA SER A 148 20.94 2.89 -11.54
C SER A 148 22.10 1.98 -11.97
N LYS A 149 22.19 0.78 -11.37
CA LYS A 149 23.31 -0.18 -11.56
CA LYS A 149 23.33 -0.15 -11.56
C LYS A 149 23.45 -0.50 -13.05
N PRO A 150 24.64 -0.28 -13.69
CA PRO A 150 24.81 -0.64 -15.11
C PRO A 150 24.65 -2.15 -15.29
N ASP A 151 23.98 -2.59 -16.36
CA ASP A 151 23.67 -4.03 -16.58
C ASP A 151 24.84 -4.64 -17.34
N SER A 152 24.72 -5.92 -17.71
CA SER A 152 25.81 -6.70 -18.36
C SER A 152 26.17 -6.10 -19.73
N ASN A 153 25.41 -5.11 -20.22
CA ASN A 153 25.64 -4.39 -21.50
C ASN A 153 25.99 -2.91 -21.29
N GLY A 154 26.07 -2.40 -20.05
CA GLY A 154 26.44 -1.00 -19.72
C GLY A 154 25.24 -0.07 -19.58
N ARG A 155 24.03 -0.59 -19.79
CA ARG A 155 22.79 0.22 -19.78
C ARG A 155 22.37 0.48 -18.33
N LYS A 156 21.88 1.69 -18.11
CA LYS A 156 21.40 2.17 -16.80
C LYS A 156 19.93 2.57 -16.96
N HIS A 157 19.14 2.47 -15.87
CA HIS A 157 17.67 2.65 -15.90
C HIS A 157 17.23 3.62 -14.82
N MET A 158 16.40 4.62 -15.17
CA MET A 158 15.90 5.59 -14.20
C MET A 158 14.45 5.95 -14.55
N TYR A 159 13.58 5.94 -13.53
CA TYR A 159 12.18 6.36 -13.67
C TYR A 159 12.04 7.85 -13.43
N VAL A 160 11.09 8.44 -14.16
CA VAL A 160 10.48 9.75 -13.86
C VAL A 160 9.13 9.46 -13.18
N VAL A 161 8.93 9.99 -11.99
CA VAL A 161 7.87 9.49 -11.07
C VAL A 161 6.98 10.64 -10.61
N ARG A 162 5.66 10.47 -10.68
CA ARG A 162 4.71 11.40 -10.00
CA ARG A 162 4.69 11.38 -10.01
C ARG A 162 4.61 10.97 -8.54
N VAL A 163 5.02 11.82 -7.62
CA VAL A 163 5.07 11.48 -6.16
C VAL A 163 4.17 12.43 -5.36
N LEU A 164 3.29 11.88 -4.51
CA LEU A 164 2.42 12.68 -3.62
C LEU A 164 3.21 13.06 -2.36
N THR A 165 4.06 14.09 -2.45
CA THR A 165 4.90 14.55 -1.32
C THR A 165 4.05 15.29 -0.28
N GLY A 166 2.97 15.94 -0.71
CA GLY A 166 2.02 16.66 0.16
C GLY A 166 2.73 17.55 1.16
N VAL A 167 2.35 17.49 2.43
CA VAL A 167 3.02 18.27 3.53
C VAL A 167 4.15 17.41 4.08
N PHE A 168 5.37 17.94 4.13
CA PHE A 168 6.56 17.15 4.52
C PHE A 168 7.31 17.79 5.69
N THR A 169 8.13 16.95 6.34
CA THR A 169 9.02 17.30 7.47
C THR A 169 10.36 16.57 7.30
N LYS A 170 11.35 16.93 8.09
CA LYS A 170 12.65 16.24 8.06
C LYS A 170 12.50 14.81 8.59
N GLY A 171 13.10 13.84 7.90
CA GLY A 171 13.10 12.44 8.34
C GLY A 171 14.25 12.13 9.27
N ARG A 172 14.34 10.88 9.69
CA ARG A 172 15.40 10.34 10.58
C ARG A 172 15.36 8.80 10.52
N ALA A 173 16.42 8.16 10.98
CA ALA A 173 16.66 6.73 10.80
C ALA A 173 15.58 5.99 11.61
N GLY A 174 15.04 4.92 11.04
CA GLY A 174 14.14 4.01 11.74
C GLY A 174 12.66 4.35 11.60
N LEU A 175 12.25 5.50 11.02
CA LEU A 175 10.81 5.80 10.78
C LEU A 175 10.22 4.66 9.92
N VAL A 176 9.00 4.21 10.26
CA VAL A 176 8.23 3.25 9.39
C VAL A 176 7.04 3.97 8.73
N THR A 177 6.61 5.11 9.25
CA THR A 177 5.65 6.06 8.64
C THR A 177 6.17 7.48 8.87
N PRO A 178 5.63 8.52 8.20
CA PRO A 178 6.02 9.88 8.55
C PRO A 178 5.58 10.20 9.98
N PRO A 179 6.25 11.18 10.61
CA PRO A 179 5.87 11.63 11.94
C PRO A 179 4.48 12.26 11.99
N PRO A 180 3.85 12.37 13.18
CA PRO A 180 2.65 13.18 13.32
C PRO A 180 2.94 14.69 13.19
N LYS A 181 1.98 15.46 12.68
CA LYS A 181 2.07 16.94 12.55
C LYS A 181 2.09 17.57 13.95
N ASN A 182 1.27 17.03 14.84
CA ASN A 182 1.21 17.40 16.28
C ASN A 182 1.06 16.11 17.07
N PRO A 183 1.99 15.79 18.01
CA PRO A 183 1.82 14.62 18.87
C PRO A 183 0.66 14.72 19.88
N HIS A 184 -0.13 15.81 19.85
CA HIS A 184 -1.47 15.89 20.51
C HIS A 184 -2.43 14.94 19.80
N ASN A 185 -2.39 14.88 18.46
CA ASN A 185 -3.13 13.92 17.60
C ASN A 185 -2.14 13.00 16.88
N PRO A 186 -1.75 11.87 17.50
CA PRO A 186 -0.70 11.02 16.96
C PRO A 186 -0.99 10.36 15.59
N THR A 187 -2.23 10.35 15.10
CA THR A 187 -2.58 9.62 13.84
C THR A 187 -2.72 10.58 12.65
N ASP A 188 -2.68 11.90 12.86
CA ASP A 188 -2.69 12.87 11.72
C ASP A 188 -1.24 13.09 11.25
N LEU A 189 -0.83 12.43 10.15
CA LEU A 189 0.61 12.29 9.78
C LEU A 189 0.98 13.31 8.70
N PHE A 190 2.26 13.70 8.68
CA PHE A 190 2.88 14.26 7.45
C PHE A 190 2.69 13.25 6.32
N ASP A 191 2.74 13.72 5.08
CA ASP A 191 2.54 12.89 3.86
C ASP A 191 3.87 12.21 3.46
N SER A 192 4.99 12.85 3.74
CA SER A 192 6.34 12.35 3.34
C SER A 192 7.42 12.98 4.22
N VAL A 193 8.66 12.51 4.08
CA VAL A 193 9.79 13.17 4.78
C VAL A 193 10.85 13.53 3.73
N THR A 194 11.81 14.36 4.15
CA THR A 194 12.89 14.86 3.29
C THR A 194 14.18 14.98 4.11
N ASN A 195 15.29 15.17 3.42
CA ASN A 195 16.62 15.45 4.03
C ASN A 195 16.65 16.88 4.59
N ASN A 196 15.97 17.83 3.97
CA ASN A 196 16.10 19.28 4.27
C ASN A 196 14.81 19.99 3.85
N THR A 197 14.05 20.54 4.81
CA THR A 197 12.70 21.11 4.53
C THR A 197 12.80 22.42 3.73
N ARG A 198 13.82 23.24 3.96
CA ARG A 198 13.97 24.55 3.26
C ARG A 198 14.39 24.32 1.80
N SER A 199 15.21 23.30 1.55
CA SER A 199 15.88 23.06 0.24
C SER A 199 15.97 21.57 -0.02
N PRO A 200 14.83 20.88 -0.23
CA PRO A 200 14.85 19.42 -0.36
C PRO A 200 15.59 18.90 -1.59
N LYS A 201 16.33 17.80 -1.44
CA LYS A 201 16.96 17.07 -2.58
C LYS A 201 16.44 15.64 -2.66
N LEU A 202 15.76 15.13 -1.63
CA LEU A 202 15.17 13.79 -1.70
C LEU A 202 13.88 13.75 -0.90
N PHE A 203 13.01 12.83 -1.26
CA PHE A 203 11.74 12.60 -0.56
C PHE A 203 11.59 11.11 -0.33
N VAL A 204 10.95 10.75 0.78
CA VAL A 204 10.68 9.35 1.15
C VAL A 204 9.17 9.20 1.33
N VAL A 205 8.55 8.20 0.70
CA VAL A 205 7.12 7.86 0.95
C VAL A 205 7.04 6.46 1.53
N PHE A 206 6.02 6.19 2.33
CA PHE A 206 5.95 5.01 3.19
C PHE A 206 4.70 4.17 2.88
N PHE A 207 3.96 4.51 1.83
CA PHE A 207 2.69 3.81 1.47
C PHE A 207 2.66 3.50 -0.02
N ASP A 208 2.03 2.35 -0.33
CA ASP A 208 1.84 1.88 -1.70
C ASP A 208 0.99 2.92 -2.42
N ASN A 209 1.24 3.13 -3.70
CA ASN A 209 0.31 3.95 -4.53
C ASN A 209 0.38 5.44 -4.07
N GLN A 210 1.48 5.86 -3.44
CA GLN A 210 1.82 7.30 -3.28
C GLN A 210 2.78 7.74 -4.40
N ALA A 211 3.16 6.83 -5.31
CA ALA A 211 4.12 7.15 -6.40
C ALA A 211 3.73 6.38 -7.65
N TYR A 212 3.63 7.06 -8.78
CA TYR A 212 3.29 6.46 -10.09
C TYR A 212 4.48 6.57 -11.03
N PRO A 213 5.09 5.45 -11.46
CA PRO A 213 6.22 5.51 -12.39
C PRO A 213 5.67 5.86 -13.78
N GLU A 214 6.02 7.04 -14.30
CA GLU A 214 5.37 7.60 -15.51
C GLU A 214 6.24 7.37 -16.75
N TYR A 215 7.55 7.55 -16.64
CA TYR A 215 8.49 7.27 -17.76
C TYR A 215 9.69 6.47 -17.27
N LEU A 216 10.24 5.62 -18.14
CA LEU A 216 11.49 4.86 -17.92
C LEU A 216 12.53 5.36 -18.92
N ILE A 217 13.67 5.86 -18.41
CA ILE A 217 14.80 6.36 -19.26
C ILE A 217 15.86 5.26 -19.28
N THR A 218 16.25 4.79 -20.46
CA THR A 218 17.36 3.83 -20.63
C THR A 218 18.55 4.62 -21.19
N PHE A 219 19.73 4.56 -20.57
CA PHE A 219 20.84 5.50 -20.86
C PHE A 219 22.19 4.89 -20.53
N THR A 220 23.29 5.53 -21.00
CA THR A 220 24.69 5.10 -20.73
C THR A 220 25.53 6.29 -20.29
N ALA A 221 26.64 6.01 -19.62
CA ALA A 221 27.61 7.02 -19.12
C ALA A 221 28.51 7.55 -20.24
N ASN B 24 -19.14 6.48 -3.22
CA ASN B 24 -19.41 5.00 -3.23
C ASN B 24 -19.68 4.50 -1.80
N LEU B 25 -19.98 5.40 -0.83
CA LEU B 25 -20.14 4.99 0.59
C LEU B 25 -21.45 4.22 0.73
N PRO B 26 -21.45 3.08 1.47
CA PRO B 26 -22.65 2.24 1.58
C PRO B 26 -23.81 2.97 2.25
N GLU B 27 -25.03 2.73 1.73
CA GLU B 27 -26.24 3.53 2.05
C GLU B 27 -26.75 3.22 3.46
N HIS B 28 -26.32 2.13 4.07
CA HIS B 28 -26.74 1.78 5.45
C HIS B 28 -25.80 2.43 6.49
N TRP B 29 -24.70 3.09 6.09
CA TRP B 29 -23.81 3.79 7.06
C TRP B 29 -24.60 4.96 7.64
N THR B 30 -24.28 5.38 8.87
CA THR B 30 -24.80 6.64 9.46
C THR B 30 -24.27 7.82 8.65
N ASP B 31 -25.07 8.89 8.57
CA ASP B 31 -24.71 10.18 7.96
C ASP B 31 -23.56 10.76 8.78
N MET B 32 -22.41 11.01 8.17
CA MET B 32 -21.20 11.49 8.89
C MET B 32 -21.06 13.00 8.77
N ASN B 33 -21.99 13.67 8.08
CA ASN B 33 -22.09 15.15 7.98
C ASN B 33 -20.72 15.72 7.62
N HIS B 34 -20.24 15.40 6.40
CA HIS B 34 -18.99 15.90 5.80
C HIS B 34 -17.75 15.20 6.38
N GLN B 35 -17.84 14.59 7.58
CA GLN B 35 -16.69 13.94 8.27
C GLN B 35 -16.29 12.67 7.50
N LEU B 36 -15.04 12.26 7.63
CA LEU B 36 -14.41 11.17 6.83
C LEU B 36 -14.34 9.88 7.65
N PHE B 37 -14.74 9.93 8.93
CA PHE B 37 -14.44 8.83 9.87
C PHE B 37 -15.39 8.88 11.05
N CYS B 38 -15.88 7.72 11.45
CA CYS B 38 -16.80 7.56 12.62
CA CYS B 38 -16.56 7.57 12.76
C CYS B 38 -16.78 6.09 13.08
N MET B 39 -16.88 5.84 14.37
CA MET B 39 -17.12 4.50 14.95
C MET B 39 -18.58 4.48 15.40
N VAL B 40 -19.36 3.50 14.95
CA VAL B 40 -20.81 3.36 15.30
C VAL B 40 -21.03 2.15 16.21
N GLN B 41 -21.53 2.41 17.41
CA GLN B 41 -21.87 1.37 18.39
C GLN B 41 -23.14 0.63 17.94
N LEU B 42 -23.05 -0.69 17.77
CA LEU B 42 -24.18 -1.54 17.33
C LEU B 42 -25.05 -1.96 18.52
N GLU B 43 -26.29 -2.31 18.22
CA GLU B 43 -27.30 -2.70 19.24
C GLU B 43 -27.51 -4.21 19.22
N PRO B 44 -27.32 -4.92 20.36
CA PRO B 44 -27.69 -6.32 20.44
C PRO B 44 -29.14 -6.52 19.98
N GLY B 45 -29.37 -7.55 19.22
CA GLY B 45 -30.71 -7.89 18.69
C GLY B 45 -30.88 -7.47 17.25
N GLN B 46 -30.13 -6.47 16.77
CA GLN B 46 -30.00 -6.16 15.32
C GLN B 46 -29.26 -7.32 14.62
N SER B 47 -29.69 -7.72 13.42
CA SER B 47 -29.03 -8.77 12.61
C SER B 47 -27.52 -8.46 12.47
N GLU B 48 -27.18 -7.20 12.29
CA GLU B 48 -25.77 -6.79 12.06
C GLU B 48 -24.90 -7.17 13.28
N TYR B 49 -25.37 -6.87 14.50
CA TYR B 49 -24.67 -7.24 15.76
C TYR B 49 -24.63 -8.77 15.88
N ASN B 50 -25.79 -9.41 15.72
CA ASN B 50 -25.94 -10.84 16.04
C ASN B 50 -25.05 -11.69 15.15
N THR B 51 -24.88 -11.34 13.85
CA THR B 51 -24.07 -12.14 12.89
C THR B 51 -22.61 -12.12 13.36
N ILE B 52 -22.11 -10.96 13.80
CA ILE B 52 -20.70 -10.84 14.27
C ILE B 52 -20.58 -11.57 15.61
N LYS B 53 -21.52 -11.35 16.51
CA LYS B 53 -21.48 -12.09 17.81
C LYS B 53 -21.41 -13.60 17.53
N ASP B 54 -22.22 -14.13 16.61
CA ASP B 54 -22.28 -15.59 16.33
C ASP B 54 -20.96 -16.03 15.69
N LYS B 55 -20.41 -15.22 14.80
CA LYS B 55 -19.13 -15.56 14.11
C LYS B 55 -18.00 -15.69 15.15
N PHE B 56 -17.99 -14.82 16.15
CA PHE B 56 -17.00 -14.79 17.27
C PHE B 56 -17.22 -16.01 18.18
N THR B 57 -18.46 -16.21 18.65
CA THR B 57 -18.79 -17.22 19.70
C THR B 57 -18.66 -18.64 19.13
N ARG B 58 -18.64 -18.82 17.81
CA ARG B 58 -18.40 -20.15 17.19
C ARG B 58 -17.15 -20.78 17.80
N THR B 59 -16.10 -20.00 18.10
CA THR B 59 -14.80 -20.52 18.64
C THR B 59 -14.36 -19.82 19.93
N CYS B 60 -15.03 -18.74 20.35
CA CYS B 60 -14.70 -17.97 21.59
C CYS B 60 -15.87 -17.89 22.57
N SER B 61 -16.58 -18.98 22.83
CA SER B 61 -17.74 -18.99 23.76
C SER B 61 -17.31 -18.77 25.22
N SER B 62 -16.03 -18.90 25.59
CA SER B 62 -15.55 -18.65 26.98
C SER B 62 -15.43 -17.14 27.31
N TYR B 63 -15.37 -16.28 26.30
CA TYR B 63 -15.15 -14.82 26.46
C TYR B 63 -16.52 -14.13 26.40
N ALA B 64 -16.60 -12.87 26.83
CA ALA B 64 -17.86 -12.10 26.76
C ALA B 64 -17.61 -10.79 26.03
N ILE B 65 -18.50 -10.44 25.10
CA ILE B 65 -18.39 -9.20 24.31
C ILE B 65 -18.88 -8.01 25.14
N GLU B 66 -18.08 -6.96 25.23
CA GLU B 66 -18.52 -5.67 25.82
C GLU B 66 -19.36 -4.91 24.80
N LYS B 67 -18.78 -4.67 23.60
CA LYS B 67 -19.45 -3.90 22.53
C LYS B 67 -18.86 -4.26 21.16
N ILE B 68 -19.63 -3.98 20.11
CA ILE B 68 -19.23 -4.14 18.68
C ILE B 68 -19.46 -2.79 17.99
N GLU B 69 -18.41 -2.23 17.37
CA GLU B 69 -18.48 -0.93 16.67
C GLU B 69 -18.24 -1.19 15.18
N ARG B 70 -19.10 -0.60 14.34
CA ARG B 70 -18.93 -0.50 12.87
C ARG B 70 -17.93 0.61 12.58
N ILE B 71 -16.87 0.29 11.86
CA ILE B 71 -15.84 1.28 11.44
C ILE B 71 -16.24 1.90 10.09
N GLN B 72 -16.51 3.20 10.08
CA GLN B 72 -16.87 3.96 8.85
C GLN B 72 -15.67 4.85 8.51
N ASN B 73 -14.79 4.38 7.62
CA ASN B 73 -13.56 5.12 7.26
C ASN B 73 -13.61 5.32 5.75
N ALA B 74 -14.00 6.53 5.31
CA ALA B 74 -14.32 6.78 3.88
C ALA B 74 -13.09 6.48 3.00
N PHE B 75 -11.93 7.02 3.35
CA PHE B 75 -10.72 6.87 2.51
C PHE B 75 -10.28 5.40 2.46
N LEU B 76 -10.22 4.68 3.59
CA LEU B 76 -9.80 3.26 3.55
C LEU B 76 -10.79 2.47 2.69
N TRP B 77 -12.10 2.80 2.79
CA TRP B 77 -13.13 2.06 2.02
C TRP B 77 -12.89 2.30 0.52
N GLN B 78 -12.68 3.55 0.13
CA GLN B 78 -12.48 3.90 -1.30
C GLN B 78 -11.31 3.09 -1.88
N SER B 79 -10.17 3.12 -1.18
CA SER B 79 -8.92 2.50 -1.69
C SER B 79 -9.07 0.98 -1.76
N TYR B 80 -9.69 0.39 -0.74
CA TYR B 80 -9.98 -1.07 -0.70
C TYR B 80 -10.94 -1.44 -1.83
N GLN B 81 -12.04 -0.72 -2.05
CA GLN B 81 -13.02 -1.11 -3.11
C GLN B 81 -12.38 -1.00 -4.49
N VAL B 82 -11.44 -0.08 -4.70
CA VAL B 82 -10.68 0.02 -5.99
C VAL B 82 -9.84 -1.26 -6.18
N LYS B 83 -9.13 -1.68 -5.14
CA LYS B 83 -8.33 -2.93 -5.18
C LYS B 83 -9.23 -4.13 -5.43
N LYS B 84 -10.41 -4.16 -4.81
CA LYS B 84 -11.36 -5.31 -5.01
C LYS B 84 -11.84 -5.35 -6.45
N ARG B 85 -12.25 -4.21 -7.01
CA ARG B 85 -12.69 -4.16 -8.43
C ARG B 85 -11.56 -4.67 -9.35
N GLN B 86 -10.32 -4.28 -9.10
CA GLN B 86 -9.16 -4.71 -9.92
C GLN B 86 -8.95 -6.22 -9.81
N MET B 87 -9.05 -6.78 -8.61
CA MET B 87 -8.84 -8.24 -8.44
C MET B 87 -10.02 -9.00 -9.05
N ASP B 88 -11.24 -8.47 -8.95
CA ASP B 88 -12.45 -9.06 -9.60
C ASP B 88 -12.23 -9.09 -11.13
N ILE B 89 -11.63 -8.06 -11.73
CA ILE B 89 -11.38 -8.03 -13.20
C ILE B 89 -10.29 -9.06 -13.53
N LYS B 90 -9.18 -9.01 -12.80
CA LYS B 90 -7.95 -9.80 -13.12
C LYS B 90 -8.24 -11.30 -12.92
N ASN B 91 -8.97 -11.68 -11.89
CA ASN B 91 -9.19 -13.12 -11.57
C ASN B 91 -10.44 -13.61 -12.33
N ASP B 92 -10.53 -14.91 -12.58
CA ASP B 92 -11.53 -15.46 -13.53
C ASP B 92 -12.94 -15.04 -13.05
N HIS B 93 -13.59 -15.86 -12.23
CA HIS B 93 -14.88 -15.56 -11.56
C HIS B 93 -14.75 -15.95 -10.08
N LYS B 94 -13.62 -15.55 -9.46
CA LYS B 94 -13.20 -16.00 -8.11
C LYS B 94 -13.99 -15.20 -7.06
N ASN B 95 -14.40 -15.82 -5.94
CA ASN B 95 -14.74 -15.05 -4.72
C ASN B 95 -13.40 -14.61 -4.12
N ASN B 96 -13.05 -13.35 -4.29
CA ASN B 96 -11.72 -12.83 -3.88
C ASN B 96 -11.70 -12.37 -2.40
N GLU B 97 -12.85 -12.27 -1.74
CA GLU B 97 -12.94 -11.61 -0.42
C GLU B 97 -13.38 -12.64 0.64
N ARG B 98 -12.70 -12.64 1.78
CA ARG B 98 -13.08 -13.45 2.97
C ARG B 98 -13.24 -12.49 4.16
N LEU B 99 -14.07 -12.87 5.14
CA LEU B 99 -14.21 -12.06 6.37
C LEU B 99 -13.43 -12.78 7.46
N LEU B 100 -12.35 -12.15 7.94
CA LEU B 100 -11.34 -12.78 8.81
C LEU B 100 -11.17 -11.94 10.08
N PHE B 101 -10.39 -12.43 11.03
CA PHE B 101 -10.21 -11.79 12.35
C PHE B 101 -8.76 -11.33 12.47
N HIS B 102 -8.54 -10.28 13.27
CA HIS B 102 -7.19 -9.78 13.60
C HIS B 102 -7.15 -9.24 15.01
N GLY B 103 -6.46 -9.93 15.91
CA GLY B 103 -6.29 -9.44 17.29
C GLY B 103 -5.20 -8.40 17.35
N THR B 104 -5.37 -7.34 18.12
CA THR B 104 -4.25 -6.41 18.35
C THR B 104 -4.30 -5.79 19.73
N ASP B 105 -3.24 -5.04 20.05
CA ASP B 105 -3.06 -4.38 21.35
C ASP B 105 -3.83 -3.03 21.33
N ALA B 106 -4.19 -2.51 22.49
CA ALA B 106 -4.91 -1.22 22.60
C ALA B 106 -4.10 -0.08 21.98
N ASP B 107 -2.76 -0.11 22.08
CA ASP B 107 -1.89 1.00 21.59
C ASP B 107 -2.04 1.16 20.07
N SER B 108 -2.39 0.09 19.34
CA SER B 108 -2.48 0.02 17.85
C SER B 108 -3.87 0.41 17.33
N VAL B 109 -4.90 0.42 18.19
CA VAL B 109 -6.33 0.57 17.74
C VAL B 109 -6.53 1.92 17.05
N PRO B 110 -6.07 3.08 17.60
CA PRO B 110 -6.29 4.35 16.91
C PRO B 110 -5.67 4.43 15.50
N TYR B 111 -4.47 3.88 15.33
CA TYR B 111 -3.78 3.82 14.01
C TYR B 111 -4.56 2.90 13.06
N VAL B 112 -4.94 1.69 13.46
CA VAL B 112 -5.70 0.77 12.57
C VAL B 112 -7.04 1.42 12.16
N ASN B 113 -7.76 2.03 13.11
CA ASN B 113 -9.07 2.66 12.81
C ASN B 113 -8.92 3.70 11.69
N GLN B 114 -7.83 4.48 11.69
CA GLN B 114 -7.62 5.62 10.77
C GLN B 114 -6.91 5.18 9.48
N HIS B 115 -5.92 4.27 9.59
CA HIS B 115 -4.93 4.00 8.51
C HIS B 115 -4.87 2.54 8.10
N GLY B 116 -5.57 1.64 8.78
CA GLY B 116 -5.64 0.23 8.40
C GLY B 116 -4.42 -0.56 8.87
N PHE B 117 -4.10 -1.64 8.15
CA PHE B 117 -3.09 -2.63 8.57
C PHE B 117 -1.79 -2.42 7.78
N ASN B 118 -0.74 -2.07 8.52
CA ASN B 118 0.59 -1.73 7.94
C ASN B 118 1.54 -2.90 8.18
N ARG B 119 2.00 -3.57 7.10
CA ARG B 119 2.96 -4.71 7.19
C ARG B 119 4.25 -4.25 7.91
N SER B 120 4.60 -2.98 7.82
CA SER B 120 5.85 -2.43 8.38
C SER B 120 5.85 -2.50 9.92
N CYS B 121 4.67 -2.60 10.52
CA CYS B 121 4.43 -2.61 11.99
C CYS B 121 4.15 -4.04 12.50
N ALA B 122 4.06 -5.05 11.63
CA ALA B 122 3.62 -6.43 11.99
C ALA B 122 4.70 -7.17 12.79
N GLY B 123 4.29 -7.95 13.79
CA GLY B 123 5.19 -8.84 14.54
C GLY B 123 5.61 -10.05 13.73
N LYS B 124 6.70 -10.72 14.09
CA LYS B 124 7.04 -12.04 13.51
C LYS B 124 6.03 -13.01 14.13
N ASN B 125 5.33 -13.82 13.32
CA ASN B 125 4.32 -14.76 13.84
C ASN B 125 5.03 -16.00 14.40
N ALA B 126 4.48 -16.69 15.41
CA ALA B 126 5.12 -17.91 15.99
C ALA B 126 5.27 -19.00 14.92
N VAL B 127 4.40 -19.03 13.90
CA VAL B 127 4.66 -19.86 12.69
C VAL B 127 4.62 -18.92 11.48
N SER B 128 5.77 -18.57 10.93
CA SER B 128 5.86 -17.55 9.87
C SER B 128 5.68 -18.18 8.48
N TYR B 129 4.74 -17.65 7.70
CA TYR B 129 4.49 -17.97 6.27
C TYR B 129 4.81 -16.74 5.43
N GLY B 130 5.58 -15.80 5.98
CA GLY B 130 5.99 -14.59 5.27
C GLY B 130 5.88 -13.33 6.11
N LYS B 131 6.56 -12.27 5.68
CA LYS B 131 6.63 -10.97 6.41
C LYS B 131 5.47 -10.12 5.90
N GLY B 132 4.31 -10.24 6.53
CA GLY B 132 3.13 -9.43 6.15
C GLY B 132 2.13 -9.36 7.28
N THR B 133 0.91 -8.89 7.00
CA THR B 133 -0.13 -8.80 8.04
C THR B 133 -0.93 -10.12 8.06
N TYR B 134 -1.16 -10.67 9.26
CA TYR B 134 -1.78 -11.99 9.48
C TYR B 134 -3.25 -11.82 9.84
N PHE B 135 -4.10 -12.66 9.24
CA PHE B 135 -5.57 -12.68 9.47
C PHE B 135 -6.01 -14.13 9.73
N ALA B 136 -6.85 -14.35 10.74
CA ALA B 136 -7.28 -15.69 11.20
C ALA B 136 -8.69 -16.02 10.70
N VAL B 137 -8.90 -17.28 10.32
CA VAL B 137 -10.25 -17.81 10.01
C VAL B 137 -11.05 -17.88 11.31
N ASP B 138 -10.43 -18.34 12.40
CA ASP B 138 -11.14 -18.58 13.69
C ASP B 138 -10.83 -17.44 14.67
N ALA B 139 -11.86 -16.90 15.32
CA ALA B 139 -11.69 -15.86 16.36
C ALA B 139 -10.84 -16.40 17.52
N SER B 140 -10.87 -17.70 17.82
CA SER B 140 -10.07 -18.30 18.92
C SER B 140 -8.58 -18.02 18.68
N TYR B 141 -8.09 -18.00 17.43
CA TYR B 141 -6.64 -17.78 17.14
C TYR B 141 -6.28 -16.34 17.56
N SER B 142 -7.07 -15.38 17.06
CA SER B 142 -6.91 -13.94 17.32
C SER B 142 -7.11 -13.66 18.82
N ALA B 143 -7.91 -14.46 19.53
CA ALA B 143 -8.27 -14.23 20.96
C ALA B 143 -7.09 -14.57 21.88
N LYS B 144 -6.04 -15.22 21.39
CA LYS B 144 -4.79 -15.46 22.18
C LYS B 144 -4.22 -14.14 22.70
N ASP B 145 -3.75 -14.15 23.96
CA ASP B 145 -3.17 -12.96 24.62
C ASP B 145 -1.99 -12.42 23.82
N THR B 146 -1.30 -13.26 23.04
CA THR B 146 -0.16 -12.87 22.17
CA THR B 146 -0.14 -12.79 22.24
C THR B 146 -0.57 -11.80 21.14
N TYR B 147 -1.82 -11.88 20.67
CA TYR B 147 -2.35 -10.98 19.60
C TYR B 147 -3.27 -9.91 20.17
N SER B 148 -4.33 -10.34 20.86
CA SER B 148 -5.29 -9.40 21.48
C SER B 148 -4.87 -9.17 22.93
N LYS B 149 -3.75 -8.48 23.11
CA LYS B 149 -3.17 -8.28 24.45
C LYS B 149 -4.18 -7.59 25.36
N PRO B 150 -4.52 -8.16 26.55
CA PRO B 150 -5.37 -7.44 27.51
C PRO B 150 -4.78 -6.09 27.87
N ASP B 151 -5.59 -5.03 27.89
CA ASP B 151 -5.13 -3.66 28.31
C ASP B 151 -5.14 -3.56 29.85
N SER B 152 -4.83 -2.39 30.38
CA SER B 152 -4.74 -2.16 31.85
C SER B 152 -6.10 -2.35 32.54
N ASN B 153 -7.21 -2.38 31.79
CA ASN B 153 -8.56 -2.67 32.34
C ASN B 153 -9.00 -4.09 31.98
N GLY B 154 -8.14 -4.92 31.38
CA GLY B 154 -8.50 -6.30 31.09
C GLY B 154 -9.38 -6.41 29.84
N ARG B 155 -9.42 -5.38 29.00
CA ARG B 155 -10.16 -5.42 27.71
C ARG B 155 -9.23 -5.93 26.60
N LYS B 156 -9.76 -6.85 25.80
CA LYS B 156 -9.11 -7.42 24.60
C LYS B 156 -9.82 -6.82 23.38
N HIS B 157 -9.08 -6.66 22.27
CA HIS B 157 -9.59 -6.00 21.04
C HIS B 157 -9.33 -6.89 19.83
N MET B 158 -10.36 -7.14 19.03
CA MET B 158 -10.21 -7.93 17.78
C MET B 158 -11.00 -7.23 16.68
N TYR B 159 -10.38 -7.08 15.51
CA TYR B 159 -11.07 -6.56 14.31
C TYR B 159 -11.68 -7.71 13.52
N VAL B 160 -12.80 -7.40 12.86
CA VAL B 160 -13.43 -8.26 11.84
C VAL B 160 -13.16 -7.53 10.54
N VAL B 161 -12.52 -8.22 9.59
CA VAL B 161 -11.82 -7.56 8.45
C VAL B 161 -12.25 -8.17 7.12
N ARG B 162 -12.59 -7.33 6.13
CA ARG B 162 -12.78 -7.81 4.73
C ARG B 162 -11.39 -7.90 4.11
N VAL B 163 -10.97 -9.09 3.68
CA VAL B 163 -9.58 -9.36 3.20
C VAL B 163 -9.64 -9.88 1.76
N LEU B 164 -8.83 -9.29 0.87
CA LEU B 164 -8.75 -9.74 -0.55
C LEU B 164 -7.74 -10.91 -0.66
N THR B 165 -8.21 -12.11 -0.28
CA THR B 165 -7.36 -13.34 -0.32
C THR B 165 -7.11 -13.74 -1.77
N GLY B 166 -8.05 -13.51 -2.67
CA GLY B 166 -7.87 -13.81 -4.10
C GLY B 166 -7.44 -15.26 -4.31
N VAL B 167 -6.44 -15.45 -5.18
CA VAL B 167 -5.83 -16.77 -5.49
C VAL B 167 -4.58 -16.91 -4.61
N PHE B 168 -4.50 -17.97 -3.83
CA PHE B 168 -3.46 -18.12 -2.78
C PHE B 168 -2.74 -19.47 -2.91
N THR B 169 -1.58 -19.53 -2.25
CA THR B 169 -0.71 -20.73 -2.14
C THR B 169 -0.10 -20.79 -0.73
N LYS B 170 0.52 -21.91 -0.38
CA LYS B 170 1.20 -22.04 0.91
C LYS B 170 2.39 -21.08 0.94
N GLY B 171 2.48 -20.26 1.97
CA GLY B 171 3.59 -19.31 2.14
C GLY B 171 4.88 -19.95 2.62
N ARG B 172 5.90 -19.12 2.79
CA ARG B 172 7.27 -19.48 3.28
CA ARG B 172 7.19 -19.51 3.41
C ARG B 172 7.81 -18.29 4.08
N ALA B 173 8.56 -18.55 5.15
CA ALA B 173 9.07 -17.51 6.05
C ALA B 173 9.84 -16.41 5.29
N GLY B 174 10.57 -16.72 4.22
CA GLY B 174 11.39 -15.70 3.50
C GLY B 174 10.60 -14.61 2.75
N LEU B 175 9.28 -14.75 2.55
CA LEU B 175 8.53 -13.91 1.57
C LEU B 175 8.37 -12.46 2.07
N VAL B 176 8.55 -11.49 1.16
CA VAL B 176 8.22 -10.06 1.43
C VAL B 176 7.10 -9.60 0.49
N THR B 177 6.75 -10.41 -0.51
CA THR B 177 5.54 -10.29 -1.38
C THR B 177 5.02 -11.70 -1.63
N PRO B 178 3.78 -11.93 -2.14
CA PRO B 178 3.39 -13.29 -2.47
C PRO B 178 4.34 -13.75 -3.58
N PRO B 179 4.51 -15.08 -3.70
CA PRO B 179 5.36 -15.63 -4.75
C PRO B 179 4.68 -15.58 -6.11
N PRO B 180 5.47 -15.75 -7.18
CA PRO B 180 4.92 -15.86 -8.53
C PRO B 180 4.14 -17.16 -8.70
N LYS B 181 3.13 -17.14 -9.57
CA LYS B 181 2.39 -18.34 -9.99
C LYS B 181 3.31 -19.24 -10.82
N ASN B 182 4.22 -18.63 -11.56
CA ASN B 182 5.05 -19.32 -12.58
C ASN B 182 6.47 -18.80 -12.43
N PRO B 183 7.48 -19.68 -12.22
CA PRO B 183 8.84 -19.19 -11.99
C PRO B 183 9.46 -18.46 -13.19
N HIS B 184 8.96 -18.68 -14.41
CA HIS B 184 9.46 -18.05 -15.65
C HIS B 184 8.78 -16.70 -15.89
N ASN B 185 7.82 -16.31 -15.05
CA ASN B 185 7.13 -14.99 -15.14
C ASN B 185 7.06 -14.41 -13.73
N PRO B 186 8.20 -13.92 -13.20
CA PRO B 186 8.30 -13.56 -11.78
C PRO B 186 7.37 -12.44 -11.28
N THR B 187 6.79 -11.64 -12.17
CA THR B 187 5.96 -10.46 -11.76
C THR B 187 4.48 -10.83 -11.68
N ASP B 188 4.04 -12.02 -12.11
CA ASP B 188 2.59 -12.37 -12.10
C ASP B 188 2.32 -13.15 -10.80
N LEU B 189 1.79 -12.47 -9.78
CA LEU B 189 1.87 -12.97 -8.38
C LEU B 189 0.54 -13.57 -7.91
N PHE B 190 0.63 -14.53 -6.98
CA PHE B 190 -0.53 -14.90 -6.12
C PHE B 190 -1.00 -13.65 -5.36
N ASP B 191 -2.27 -13.63 -4.95
CA ASP B 191 -2.83 -12.46 -4.22
C ASP B 191 -2.43 -12.49 -2.73
N SER B 192 -2.29 -13.69 -2.16
CA SER B 192 -2.04 -13.87 -0.72
C SER B 192 -1.41 -15.26 -0.52
N VAL B 193 -0.95 -15.56 0.69
CA VAL B 193 -0.50 -16.92 1.06
C VAL B 193 -1.23 -17.39 2.32
N THR B 194 -1.17 -18.70 2.55
CA THR B 194 -1.87 -19.38 3.68
C THR B 194 -0.91 -20.37 4.33
N ASN B 195 -1.33 -20.93 5.46
CA ASN B 195 -0.57 -22.01 6.16
C ASN B 195 -0.77 -23.35 5.44
N ASN B 196 -1.91 -23.57 4.79
CA ASN B 196 -2.34 -24.88 4.24
C ASN B 196 -3.44 -24.64 3.20
N THR B 197 -3.25 -25.00 1.92
CA THR B 197 -4.24 -24.66 0.85
C THR B 197 -5.53 -25.47 1.01
N ARG B 198 -5.43 -26.69 1.53
CA ARG B 198 -6.58 -27.64 1.68
C ARG B 198 -7.43 -27.24 2.89
N SER B 199 -6.84 -26.74 3.96
CA SER B 199 -7.55 -26.35 5.21
C SER B 199 -6.99 -25.04 5.75
N PRO B 200 -7.23 -23.90 5.06
CA PRO B 200 -6.63 -22.63 5.47
C PRO B 200 -7.13 -22.17 6.84
N LYS B 201 -6.23 -21.75 7.72
CA LYS B 201 -6.64 -21.15 9.03
C LYS B 201 -6.02 -19.76 9.21
N LEU B 202 -5.03 -19.39 8.39
CA LEU B 202 -4.48 -18.01 8.42
C LEU B 202 -4.19 -17.60 6.98
N PHE B 203 -4.26 -16.30 6.75
CA PHE B 203 -3.85 -15.68 5.47
C PHE B 203 -2.87 -14.54 5.79
N VAL B 204 -1.95 -14.32 4.87
CA VAL B 204 -0.95 -13.22 4.97
C VAL B 204 -1.10 -12.37 3.71
N VAL B 205 -1.30 -11.05 3.90
CA VAL B 205 -1.28 -10.07 2.77
C VAL B 205 -0.09 -9.13 2.93
N PHE B 206 0.39 -8.66 1.79
CA PHE B 206 1.71 -7.99 1.68
C PHE B 206 1.57 -6.60 1.06
N PHE B 207 0.35 -6.08 0.90
CA PHE B 207 0.13 -4.75 0.27
C PHE B 207 -0.91 -3.95 1.02
N ASP B 208 -0.77 -2.62 0.93
CA ASP B 208 -1.70 -1.66 1.58
C ASP B 208 -3.06 -1.75 0.89
N ASN B 209 -4.13 -1.52 1.66
CA ASN B 209 -5.52 -1.42 1.12
C ASN B 209 -5.92 -2.77 0.50
N GLN B 210 -5.38 -3.91 0.99
CA GLN B 210 -5.88 -5.26 0.65
C GLN B 210 -6.78 -5.80 1.78
N ALA B 211 -7.03 -5.00 2.82
CA ALA B 211 -7.81 -5.40 4.01
C ALA B 211 -8.53 -4.15 4.55
N TYR B 212 -9.83 -4.22 4.80
CA TYR B 212 -10.64 -3.12 5.34
C TYR B 212 -11.13 -3.53 6.73
N PRO B 213 -10.73 -2.80 7.79
CA PRO B 213 -11.16 -3.06 9.17
C PRO B 213 -12.64 -2.66 9.28
N GLU B 214 -13.54 -3.65 9.35
CA GLU B 214 -15.00 -3.39 9.26
C GLU B 214 -15.66 -3.26 10.64
N TYR B 215 -15.32 -4.12 11.58
CA TYR B 215 -15.87 -4.06 12.97
C TYR B 215 -14.72 -4.19 13.98
N LEU B 216 -14.89 -3.54 15.13
CA LEU B 216 -14.00 -3.69 16.30
C LEU B 216 -14.80 -4.31 17.43
N ILE B 217 -14.35 -5.49 17.87
CA ILE B 217 -14.99 -6.22 19.01
C ILE B 217 -14.16 -5.88 20.24
N THR B 218 -14.81 -5.37 21.29
CA THR B 218 -14.16 -5.18 22.61
C THR B 218 -14.69 -6.30 23.51
N PHE B 219 -13.83 -7.08 24.15
CA PHE B 219 -14.28 -8.28 24.91
C PHE B 219 -13.41 -8.52 26.14
N THR B 220 -13.95 -9.31 27.06
CA THR B 220 -13.28 -9.60 28.36
C THR B 220 -13.46 -11.06 28.73
N ALA B 221 -12.68 -11.53 29.71
CA ALA B 221 -12.91 -12.81 30.42
C ALA B 221 -14.19 -12.67 31.25
#